data_5H09
#
_entry.id   5H09
#
_cell.length_a   43.037
_cell.length_b   85.425
_cell.length_c   128.840
_cell.angle_alpha   90.000
_cell.angle_beta   90.000
_cell.angle_gamma   90.000
#
_symmetry.space_group_name_H-M   'P 21 21 21'
#
loop_
_entity.id
_entity.type
_entity.pdbx_description
1 polymer 'Tyrosine-protein kinase HCK'
2 non-polymer 'ethyl (2~{S})-2-[[4-[4-azanyl-5-(4-phenoxyphenyl)pyrrolo[2,3-d]pyrimidin-7-yl]cyclohexyl]amino]-4-methyl-pentanoate'
3 water water
#
_entity_poly.entity_id   1
_entity_poly.type   'polypeptide(L)'
_entity_poly.pdbx_seq_one_letter_code
;GAMGSGIRIIVVALYDYEAIHHEDLSFQKGDQMVVLEESGEWWKARSLATRKEGYIPSNYVARVDSLETEEWFFKGISRK
DAERQLLAPGNMLGSFMIRDSETTKGSYSLSVRDYDPRQGDTVKHYKIRTLDNGGFYISPRSTFSTLQELVDHYKKGNDG
LCQKLSVPCMSSKPQKPWEKDAWEIPRESLKLEKKLGAGQFGEVWMATYNKHTKVAVKTMKPGSMSVEAFLAEANVMKTL
QHDKLVKLHAVVTKEPIYIITEFMAKGSLLDFLKSDEGSKQPLPKLIDFSAQIAEGMAFIEQRNYIHRDLRAANILVSAS
LVCKIADFGLARVIEDNEYTAREGAKFPIKWTAPEAINFGSFTIKSDVWSFGILLMEIVTYGRIPYPGMSNPEVIRALER
GYRMPRPENCPEELYNIMMRCWKNRPEERPTFEYIQSVLDDFYTATESQ(PTR)EEIP
;
_entity_poly.pdbx_strand_id   A
#
# COMPACT_ATOMS: atom_id res chain seq x y z
N ARG A 8 -2.36 -18.98 30.14
CA ARG A 8 -3.57 -18.70 29.35
C ARG A 8 -3.45 -17.35 28.64
N ILE A 9 -4.03 -17.26 27.45
CA ILE A 9 -4.00 -16.04 26.63
C ILE A 9 -5.41 -15.80 26.11
N ILE A 10 -6.11 -14.82 26.70
CA ILE A 10 -7.50 -14.55 26.39
C ILE A 10 -7.58 -13.39 25.40
N VAL A 11 -8.51 -13.48 24.45
CA VAL A 11 -8.66 -12.47 23.41
C VAL A 11 -10.14 -12.12 23.26
N VAL A 12 -10.40 -11.01 22.55
CA VAL A 12 -11.75 -10.50 22.32
C VAL A 12 -11.89 -10.15 20.85
N ALA A 13 -13.05 -10.45 20.28
CA ALA A 13 -13.30 -10.19 18.87
C ALA A 13 -13.60 -8.71 18.63
N LEU A 14 -12.88 -8.11 17.68
CA LEU A 14 -13.11 -6.70 17.33
C LEU A 14 -14.29 -6.57 16.36
N TYR A 15 -14.09 -6.97 15.11
CA TYR A 15 -15.19 -7.15 14.17
C TYR A 15 -15.72 -8.56 14.35
N ASP A 16 -16.29 -9.12 13.28
CA ASP A 16 -16.59 -10.55 13.21
C ASP A 16 -17.10 -10.97 11.84
N TYR A 17 -16.85 -12.22 11.48
CA TYR A 17 -17.35 -12.81 10.24
C TYR A 17 -17.46 -14.31 10.45
N GLU A 18 -18.25 -14.95 9.59
CA GLU A 18 -18.63 -16.33 9.78
C GLU A 18 -17.77 -17.27 8.92
N ALA A 19 -18.26 -18.49 8.71
CA ALA A 19 -17.44 -19.55 8.13
C ALA A 19 -17.22 -19.34 6.63
N ILE A 20 -16.02 -19.67 6.18
CA ILE A 20 -15.70 -19.74 4.75
C ILE A 20 -15.07 -21.11 4.50
N HIS A 21 -14.19 -21.52 5.41
CA HIS A 21 -13.34 -22.69 5.24
C HIS A 21 -13.84 -23.83 6.14
N HIS A 22 -12.93 -24.77 6.42
CA HIS A 22 -13.26 -25.97 7.17
C HIS A 22 -13.30 -25.67 8.66
N GLU A 23 -14.45 -25.95 9.29
CA GLU A 23 -14.66 -25.79 10.73
C GLU A 23 -14.21 -24.41 11.20
N ASP A 24 -14.94 -23.41 10.71
CA ASP A 24 -14.76 -22.02 11.11
C ASP A 24 -15.83 -21.65 12.13
N LEU A 25 -15.55 -20.61 12.91
CA LEU A 25 -16.44 -20.17 13.97
C LEU A 25 -17.33 -19.03 13.49
N SER A 26 -18.44 -18.81 14.20
CA SER A 26 -19.47 -17.85 13.78
C SER A 26 -19.82 -16.94 14.96
N PHE A 27 -19.04 -15.89 15.15
CA PHE A 27 -19.44 -14.78 15.99
C PHE A 27 -19.96 -13.65 15.10
N GLN A 28 -20.65 -12.68 15.71
CA GLN A 28 -21.30 -11.63 14.94
C GLN A 28 -20.69 -10.25 15.12
N LYS A 29 -20.30 -9.86 16.34
CA LYS A 29 -19.71 -8.55 16.55
C LYS A 29 -18.83 -8.50 17.80
N GLY A 30 -19.42 -8.76 18.97
CA GLY A 30 -18.67 -8.70 20.21
C GLY A 30 -18.69 -9.99 20.99
N ASP A 31 -17.52 -10.57 21.22
CA ASP A 31 -17.42 -11.86 21.90
C ASP A 31 -15.98 -12.05 22.38
N GLN A 32 -15.81 -12.93 23.36
CA GLN A 32 -14.52 -13.18 24.00
C GLN A 32 -14.18 -14.67 23.91
N MET A 33 -12.89 -14.99 23.96
CA MET A 33 -12.44 -16.36 23.82
C MET A 33 -10.96 -16.45 24.21
N VAL A 34 -10.44 -17.69 24.21
CA VAL A 34 -9.06 -18.00 24.54
C VAL A 34 -8.44 -18.74 23.38
N VAL A 35 -7.15 -18.52 23.14
CA VAL A 35 -6.42 -19.08 22.01
C VAL A 35 -5.26 -19.92 22.54
N LEU A 36 -5.13 -21.15 22.03
CA LEU A 36 -4.00 -22.00 22.37
C LEU A 36 -2.70 -21.37 21.91
N GLU A 37 -2.44 -21.37 20.60
CA GLU A 37 -1.27 -20.71 20.06
C GLU A 37 -1.56 -20.26 18.63
N GLU A 38 -0.60 -19.51 18.08
CA GLU A 38 -0.76 -18.87 16.78
C GLU A 38 -0.21 -19.77 15.67
N SER A 39 -0.92 -19.78 14.53
CA SER A 39 -0.50 -20.54 13.36
C SER A 39 -0.72 -19.62 12.14
N GLY A 40 0.34 -18.89 11.77
CA GLY A 40 0.24 -17.92 10.69
C GLY A 40 -0.65 -16.75 11.06
N GLU A 41 -1.79 -16.63 10.38
CA GLU A 41 -2.79 -15.63 10.71
C GLU A 41 -4.15 -16.25 11.02
N TRP A 42 -4.21 -17.58 11.14
CA TRP A 42 -5.42 -18.29 11.55
C TRP A 42 -5.11 -18.97 12.87
N TRP A 43 -5.48 -18.32 13.97
CA TRP A 43 -5.12 -18.81 15.30
C TRP A 43 -6.06 -19.93 15.74
N LYS A 44 -5.51 -20.85 16.53
CA LYS A 44 -6.28 -21.97 17.08
C LYS A 44 -7.17 -21.46 18.20
N ALA A 45 -8.48 -21.39 17.95
CA ALA A 45 -9.42 -20.68 18.81
C ALA A 45 -10.20 -21.64 19.70
N ARG A 46 -10.39 -21.23 20.96
CA ARG A 46 -11.22 -21.93 21.91
C ARG A 46 -12.20 -20.93 22.52
N SER A 47 -13.49 -21.25 22.46
CA SER A 47 -14.53 -20.34 22.93
C SER A 47 -15.11 -20.82 24.26
N LEU A 48 -15.56 -19.86 25.07
CA LEU A 48 -16.11 -20.15 26.38
C LEU A 48 -17.63 -20.33 26.34
N ALA A 49 -18.36 -19.28 25.97
CA ALA A 49 -19.82 -19.32 25.91
C ALA A 49 -20.33 -19.72 24.54
N THR A 50 -19.64 -20.65 23.87
CA THR A 50 -20.09 -21.19 22.59
C THR A 50 -19.96 -22.70 22.49
N ARG A 51 -19.08 -23.34 23.28
CA ARG A 51 -18.84 -24.77 23.25
C ARG A 51 -18.26 -25.24 21.91
N LYS A 52 -18.02 -24.30 21.00
CA LYS A 52 -17.58 -24.62 19.65
C LYS A 52 -16.09 -24.35 19.50
N GLU A 53 -15.40 -25.25 18.80
CA GLU A 53 -13.95 -25.21 18.60
C GLU A 53 -13.64 -25.01 17.12
N GLY A 54 -12.67 -24.17 16.83
CA GLY A 54 -12.27 -23.96 15.44
C GLY A 54 -11.16 -22.95 15.33
N TYR A 55 -11.02 -22.39 14.12
CA TYR A 55 -10.02 -21.39 13.80
C TYR A 55 -10.69 -20.04 13.60
N ILE A 56 -9.89 -18.98 13.74
CA ILE A 56 -10.42 -17.61 13.60
C ILE A 56 -9.40 -16.75 12.89
N PRO A 57 -9.88 -15.72 12.16
CA PRO A 57 -8.97 -14.73 11.58
C PRO A 57 -8.31 -13.91 12.69
N SER A 58 -6.98 -13.90 12.69
CA SER A 58 -6.25 -13.23 13.75
C SER A 58 -6.46 -11.72 13.74
N ASN A 59 -6.77 -11.15 12.58
CA ASN A 59 -6.99 -9.71 12.48
C ASN A 59 -8.40 -9.29 12.88
N TYR A 60 -9.23 -10.22 13.32
CA TYR A 60 -10.59 -9.90 13.79
C TYR A 60 -10.70 -9.98 15.31
N VAL A 61 -9.57 -10.11 16.03
CA VAL A 61 -9.58 -10.25 17.47
C VAL A 61 -8.46 -9.38 18.05
N ALA A 62 -8.43 -9.31 19.39
CA ALA A 62 -7.42 -8.52 20.09
C ALA A 62 -7.44 -8.92 21.57
N ARG A 63 -6.38 -8.53 22.27
CA ARG A 63 -6.25 -8.82 23.70
C ARG A 63 -7.40 -8.17 24.47
N VAL A 64 -7.74 -8.78 25.62
CA VAL A 64 -8.95 -8.40 26.35
C VAL A 64 -8.87 -6.95 26.82
N ASP A 65 -7.89 -6.65 27.67
CA ASP A 65 -7.76 -5.31 28.25
C ASP A 65 -6.68 -4.48 27.55
N SER A 66 -6.62 -4.57 26.23
CA SER A 66 -5.73 -3.76 25.41
C SER A 66 -6.52 -2.68 24.69
N LEU A 67 -5.80 -1.64 24.26
CA LEU A 67 -6.43 -0.54 23.54
C LEU A 67 -7.02 -0.97 22.20
N GLU A 68 -6.59 -2.13 21.69
CA GLU A 68 -7.03 -2.57 20.37
C GLU A 68 -8.53 -2.83 20.30
N THR A 69 -9.19 -2.97 21.46
CA THR A 69 -10.64 -3.11 21.46
C THR A 69 -11.36 -1.78 21.22
N GLU A 70 -10.68 -0.65 21.41
CA GLU A 70 -11.33 0.65 21.34
C GLU A 70 -11.51 1.09 19.90
N GLU A 71 -12.66 1.72 19.63
CA GLU A 71 -12.98 2.16 18.29
C GLU A 71 -12.07 3.28 17.80
N TRP A 72 -11.42 4.00 18.71
CA TRP A 72 -10.56 5.11 18.33
C TRP A 72 -9.09 4.75 18.30
N PHE A 73 -8.73 3.50 18.53
CA PHE A 73 -7.33 3.07 18.50
C PHE A 73 -7.05 2.30 17.23
N PHE A 74 -5.97 2.67 16.54
CA PHE A 74 -5.60 2.11 15.25
C PHE A 74 -4.22 1.45 15.40
N LYS A 75 -4.22 0.16 15.69
CA LYS A 75 -2.96 -0.55 15.89
C LYS A 75 -2.24 -0.73 14.57
N GLY A 76 -0.93 -0.54 14.59
CA GLY A 76 -0.08 -0.91 13.48
C GLY A 76 -0.15 -0.02 12.26
N ILE A 77 -0.58 1.22 12.39
CA ILE A 77 -0.57 2.14 11.26
C ILE A 77 0.45 3.23 11.53
N SER A 78 0.93 3.83 10.44
CA SER A 78 1.96 4.85 10.51
C SER A 78 1.32 6.24 10.62
N ARG A 79 2.17 7.24 10.90
CA ARG A 79 1.72 8.63 10.89
C ARG A 79 1.16 9.00 9.53
N LYS A 80 1.86 8.65 8.46
CA LYS A 80 1.43 9.04 7.12
C LYS A 80 0.11 8.36 6.77
N ASP A 81 -0.04 7.08 7.11
CA ASP A 81 -1.31 6.40 6.87
C ASP A 81 -2.41 6.89 7.81
N ALA A 82 -2.05 7.44 8.98
CA ALA A 82 -3.06 8.05 9.82
C ALA A 82 -3.64 9.28 9.16
N GLU A 83 -2.78 10.10 8.54
CA GLU A 83 -3.24 11.29 7.84
C GLU A 83 -4.16 10.92 6.68
N ARG A 84 -3.76 9.92 5.88
CA ARG A 84 -4.55 9.50 4.74
C ARG A 84 -5.91 8.97 5.17
N GLN A 85 -5.93 8.11 6.19
CA GLN A 85 -7.19 7.56 6.69
C GLN A 85 -8.14 8.66 7.16
N LEU A 86 -7.62 9.66 7.87
CA LEU A 86 -8.47 10.71 8.42
C LEU A 86 -8.97 11.65 7.32
N LEU A 87 -8.13 11.94 6.33
CA LEU A 87 -8.50 12.83 5.24
C LEU A 87 -9.39 12.15 4.20
N ALA A 88 -9.61 10.85 4.32
CA ALA A 88 -10.51 10.15 3.41
C ALA A 88 -11.92 10.71 3.53
N PRO A 89 -12.71 10.67 2.46
CA PRO A 89 -14.09 11.17 2.54
C PRO A 89 -14.93 10.33 3.49
N GLY A 90 -15.82 10.98 4.22
CA GLY A 90 -16.61 10.33 5.24
C GLY A 90 -16.21 10.69 6.65
N ASN A 91 -15.09 11.38 6.82
CA ASN A 91 -14.67 11.87 8.13
C ASN A 91 -15.00 13.35 8.25
N MET A 92 -15.15 13.80 9.49
CA MET A 92 -15.59 15.15 9.77
C MET A 92 -14.53 15.91 10.55
N LEU A 93 -14.72 17.22 10.66
CA LEU A 93 -13.89 18.05 11.50
C LEU A 93 -13.81 17.45 12.90
N GLY A 94 -12.59 17.36 13.43
CA GLY A 94 -12.39 16.72 14.71
C GLY A 94 -12.35 15.21 14.70
N SER A 95 -12.48 14.57 13.54
CA SER A 95 -12.28 13.13 13.47
C SER A 95 -10.88 12.80 13.98
N PHE A 96 -10.76 11.67 14.67
CA PHE A 96 -9.51 11.44 15.39
C PHE A 96 -9.21 9.95 15.48
N MET A 97 -7.96 9.67 15.83
CA MET A 97 -7.53 8.34 16.20
C MET A 97 -6.38 8.48 17.19
N ILE A 98 -6.20 7.46 18.01
CA ILE A 98 -5.00 7.30 18.81
C ILE A 98 -4.23 6.11 18.24
N ARG A 99 -2.93 6.26 18.12
CA ARG A 99 -2.09 5.26 17.48
C ARG A 99 -0.79 5.15 18.27
N ASP A 100 -0.05 4.08 18.02
CA ASP A 100 1.28 3.95 18.61
C ASP A 100 2.20 5.01 18.03
N SER A 101 3.04 5.58 18.90
CA SER A 101 3.94 6.65 18.49
C SER A 101 5.05 6.10 17.60
N GLU A 102 5.43 6.88 16.59
CA GLU A 102 6.55 6.53 15.72
C GLU A 102 7.89 7.00 16.26
N THR A 103 7.93 8.15 16.94
CA THR A 103 9.17 8.74 17.39
C THR A 103 9.43 8.51 18.87
N THR A 104 8.55 7.82 19.58
CA THR A 104 8.71 7.59 21.01
C THR A 104 8.13 6.21 21.32
N LYS A 105 9.03 5.22 21.47
CA LYS A 105 8.60 3.85 21.73
C LYS A 105 7.79 3.75 23.02
N GLY A 106 6.67 3.04 22.95
CA GLY A 106 5.81 2.85 24.10
C GLY A 106 4.84 3.98 24.39
N SER A 107 5.05 5.17 23.82
CA SER A 107 4.15 6.29 24.00
C SER A 107 3.10 6.29 22.90
N TYR A 108 2.27 7.34 22.85
CA TYR A 108 1.15 7.37 21.91
C TYR A 108 1.05 8.73 21.26
N SER A 109 0.30 8.77 20.16
CA SER A 109 0.09 9.98 19.38
C SER A 109 -1.40 10.13 19.10
N LEU A 110 -1.88 11.37 19.18
CA LEU A 110 -3.24 11.71 18.82
C LEU A 110 -3.23 12.46 17.50
N SER A 111 -4.05 12.00 16.56
CA SER A 111 -4.17 12.61 15.24
C SER A 111 -5.60 13.09 15.07
N VAL A 112 -5.76 14.37 14.73
CA VAL A 112 -7.05 15.02 14.70
C VAL A 112 -7.22 15.72 13.35
N ARG A 113 -8.37 15.48 12.72
CA ARG A 113 -8.68 16.18 11.46
C ARG A 113 -9.02 17.63 11.74
N ASP A 114 -8.31 18.54 11.07
CA ASP A 114 -8.45 19.97 11.26
C ASP A 114 -8.86 20.62 9.93
N TYR A 115 -9.28 21.87 10.01
CA TYR A 115 -9.52 22.67 8.81
C TYR A 115 -9.28 24.14 9.12
N ASP A 116 -8.60 24.81 8.19
CA ASP A 116 -8.50 26.26 8.21
C ASP A 116 -8.55 26.76 6.77
N PRO A 117 -9.12 27.95 6.53
CA PRO A 117 -9.23 28.44 5.14
C PRO A 117 -7.89 28.62 4.45
N ARG A 118 -6.80 28.79 5.21
CA ARG A 118 -5.48 28.98 4.60
C ARG A 118 -4.92 27.66 4.09
N GLN A 119 -4.85 26.64 4.95
CA GLN A 119 -4.23 25.37 4.61
C GLN A 119 -5.24 24.32 4.12
N GLY A 120 -6.53 24.58 4.22
CA GLY A 120 -7.49 23.57 3.82
C GLY A 120 -7.60 22.46 4.85
N ASP A 121 -7.86 21.24 4.36
CA ASP A 121 -7.99 20.07 5.21
C ASP A 121 -6.60 19.61 5.64
N THR A 122 -6.36 19.54 6.94
CA THR A 122 -5.10 19.07 7.48
C THR A 122 -5.35 18.07 8.60
N VAL A 123 -4.28 17.39 9.01
CA VAL A 123 -4.30 16.53 10.17
C VAL A 123 -3.22 17.03 11.13
N LYS A 124 -3.60 17.30 12.37
CA LYS A 124 -2.67 17.73 13.41
C LYS A 124 -2.37 16.55 14.32
N HIS A 125 -1.12 16.44 14.74
CA HIS A 125 -0.64 15.34 15.58
C HIS A 125 -0.19 15.85 16.94
N TYR A 126 -0.53 15.12 17.99
CA TYR A 126 -0.17 15.48 19.36
C TYR A 126 0.50 14.31 20.05
N LYS A 127 1.55 14.62 20.82
CA LYS A 127 2.24 13.59 21.60
C LYS A 127 1.49 13.32 22.89
N ILE A 128 1.07 12.07 23.09
CA ILE A 128 0.48 11.64 24.35
C ILE A 128 1.59 11.02 25.17
N ARG A 129 2.04 11.74 26.19
CA ARG A 129 3.12 11.27 27.06
C ARG A 129 2.57 10.41 28.18
N THR A 130 3.34 9.40 28.56
CA THR A 130 2.96 8.51 29.65
C THR A 130 3.55 9.04 30.96
N LEU A 131 2.77 8.95 32.04
CA LEU A 131 3.28 9.30 33.34
C LEU A 131 4.03 8.11 33.94
N ASP A 132 5.02 8.42 34.78
CA ASP A 132 5.91 7.39 35.32
C ASP A 132 5.14 6.35 36.13
N ASN A 133 4.18 6.78 36.94
CA ASN A 133 3.44 5.88 37.83
C ASN A 133 2.01 5.64 37.33
N GLY A 134 1.79 5.77 36.03
CA GLY A 134 0.50 5.47 35.45
C GLY A 134 -0.20 6.73 34.95
N GLY A 135 -0.89 6.61 33.82
CA GLY A 135 -1.66 7.70 33.28
C GLY A 135 -0.98 8.34 32.08
N PHE A 136 -1.69 9.32 31.50
CA PHE A 136 -1.31 9.94 30.24
C PHE A 136 -1.61 11.43 30.30
N TYR A 137 -0.91 12.19 29.47
CA TYR A 137 -1.22 13.61 29.31
C TYR A 137 -0.67 14.12 27.99
N ILE A 138 -1.35 15.12 27.44
CA ILE A 138 -0.85 15.90 26.32
C ILE A 138 -0.26 17.23 26.80
N SER A 139 -0.99 17.92 27.67
CA SER A 139 -0.53 19.09 28.38
C SER A 139 -0.43 18.78 29.87
N PRO A 140 0.63 19.23 30.55
CA PRO A 140 0.83 18.84 31.96
C PRO A 140 -0.32 19.20 32.88
N ARG A 141 -1.07 20.26 32.60
CA ARG A 141 -2.16 20.66 33.47
C ARG A 141 -3.38 19.75 33.38
N SER A 142 -3.40 18.82 32.42
CA SER A 142 -4.56 17.96 32.19
C SER A 142 -4.09 16.51 32.04
N THR A 143 -4.04 15.78 33.15
CA THR A 143 -3.61 14.39 33.16
C THR A 143 -4.81 13.45 33.30
N PHE A 144 -4.64 12.22 32.84
CA PHE A 144 -5.70 11.24 32.80
C PHE A 144 -5.19 9.89 33.27
N SER A 145 -6.09 9.08 33.84
CA SER A 145 -5.72 7.73 34.24
C SER A 145 -5.68 6.77 33.06
N THR A 146 -6.58 6.94 32.09
CA THR A 146 -6.65 6.07 30.93
C THR A 146 -6.75 6.89 29.66
N LEU A 147 -6.47 6.25 28.53
CA LEU A 147 -6.65 6.93 27.24
C LEU A 147 -8.12 7.19 26.97
N GLN A 148 -9.01 6.32 27.44
CA GLN A 148 -10.44 6.57 27.31
C GLN A 148 -10.82 7.87 28.02
N GLU A 149 -10.22 8.16 29.17
CA GLU A 149 -10.52 9.41 29.86
C GLU A 149 -9.99 10.61 29.09
N LEU A 150 -8.81 10.47 28.48
CA LEU A 150 -8.30 11.52 27.61
C LEU A 150 -9.27 11.82 26.48
N VAL A 151 -9.76 10.76 25.81
CA VAL A 151 -10.69 10.95 24.70
C VAL A 151 -11.95 11.67 25.14
N ASP A 152 -12.57 11.19 26.23
CA ASP A 152 -13.81 11.81 26.71
C ASP A 152 -13.60 13.25 27.12
N HIS A 153 -12.42 13.58 27.65
CA HIS A 153 -12.12 14.96 28.00
C HIS A 153 -12.12 15.84 26.76
N TYR A 154 -11.33 15.49 25.75
CA TYR A 154 -11.23 16.33 24.56
C TYR A 154 -12.44 16.21 23.64
N LYS A 155 -13.34 15.24 23.88
CA LYS A 155 -14.62 15.26 23.20
C LYS A 155 -15.55 16.35 23.74
N LYS A 156 -15.30 16.82 24.96
CA LYS A 156 -16.16 17.84 25.56
C LYS A 156 -15.70 19.26 25.25
N GLY A 157 -14.46 19.44 24.82
CA GLY A 157 -13.93 20.75 24.48
C GLY A 157 -12.50 20.62 23.99
N ASN A 158 -12.06 21.55 23.12
CA ASN A 158 -10.73 21.43 22.54
C ASN A 158 -9.65 21.54 23.61
N ASP A 159 -9.79 22.48 24.55
CA ASP A 159 -8.85 22.67 25.64
C ASP A 159 -7.40 22.75 25.14
N GLY A 160 -7.20 23.53 24.08
CA GLY A 160 -5.90 23.72 23.51
C GLY A 160 -5.65 22.97 22.21
N LEU A 161 -6.38 21.87 21.97
CA LEU A 161 -6.27 21.20 20.69
C LEU A 161 -6.84 22.09 19.58
N CYS A 162 -6.49 21.74 18.33
CA CYS A 162 -7.00 22.47 17.18
C CYS A 162 -8.51 22.37 17.07
N GLN A 163 -9.07 21.21 17.37
CA GLN A 163 -10.51 20.99 17.33
C GLN A 163 -10.93 20.18 18.54
N LYS A 164 -12.21 20.27 18.87
CA LYS A 164 -12.83 19.33 19.78
C LYS A 164 -12.97 17.98 19.08
N LEU A 165 -12.62 16.91 19.79
CA LEU A 165 -12.76 15.57 19.20
C LEU A 165 -14.23 15.27 18.94
N SER A 166 -14.52 14.69 17.77
CA SER A 166 -15.88 14.38 17.40
C SER A 166 -16.04 12.87 17.36
N VAL A 167 -15.76 12.20 16.25
CA VAL A 167 -15.94 10.76 16.16
C VAL A 167 -14.65 10.08 15.74
N PRO A 168 -14.45 8.80 16.06
CA PRO A 168 -13.24 8.11 15.58
C PRO A 168 -13.18 8.07 14.07
N CYS A 169 -11.95 8.03 13.56
CA CYS A 169 -11.72 7.84 12.13
C CYS A 169 -12.47 6.62 11.64
N MET A 170 -13.12 6.76 10.48
CA MET A 170 -13.85 5.65 9.91
C MET A 170 -12.91 4.52 9.51
N SER A 171 -13.44 3.29 9.49
CA SER A 171 -12.64 2.13 9.15
C SER A 171 -13.56 0.99 8.77
N SER A 172 -13.15 0.19 7.79
CA SER A 172 -13.89 -0.97 7.34
C SER A 172 -13.25 -2.24 7.88
N LYS A 173 -14.04 -3.32 7.86
CA LYS A 173 -13.52 -4.62 8.27
C LYS A 173 -12.36 -5.01 7.37
N PRO A 174 -11.22 -5.42 7.93
CA PRO A 174 -10.07 -5.77 7.08
C PRO A 174 -10.35 -7.02 6.26
N GLN A 175 -9.49 -7.23 5.26
CA GLN A 175 -9.62 -8.40 4.42
C GLN A 175 -9.38 -9.67 5.24
N LYS A 176 -10.18 -10.69 4.95
CA LYS A 176 -9.96 -12.00 5.57
C LYS A 176 -8.57 -12.50 5.19
N PRO A 177 -7.81 -13.04 6.13
CA PRO A 177 -6.50 -13.59 5.78
C PRO A 177 -6.66 -14.78 4.84
N TRP A 178 -5.70 -14.94 3.94
CA TRP A 178 -5.80 -16.01 2.95
C TRP A 178 -5.85 -17.37 3.62
N GLU A 179 -6.56 -18.30 3.00
CA GLU A 179 -6.72 -19.64 3.55
C GLU A 179 -5.37 -20.27 3.82
N LYS A 180 -5.24 -20.89 4.99
CA LYS A 180 -4.00 -21.57 5.35
C LYS A 180 -3.76 -22.78 4.46
N ASP A 181 -2.48 -23.08 4.21
CA ASP A 181 -2.07 -24.21 3.39
C ASP A 181 -2.65 -24.12 1.98
N ALA A 182 -2.73 -22.91 1.45
CA ALA A 182 -3.29 -22.67 0.13
C ALA A 182 -2.38 -21.78 -0.70
N TRP A 183 -1.10 -22.15 -0.76
CA TRP A 183 -0.14 -21.41 -1.59
C TRP A 183 -0.21 -21.89 -3.04
N GLU A 184 0.11 -23.15 -3.29
CA GLU A 184 -0.06 -23.75 -4.61
C GLU A 184 -1.43 -24.41 -4.66
N ILE A 185 -2.35 -23.81 -5.43
CA ILE A 185 -3.75 -24.22 -5.43
C ILE A 185 -4.10 -24.89 -6.76
N PRO A 186 -5.10 -25.76 -6.80
CA PRO A 186 -5.52 -26.35 -8.07
C PRO A 186 -6.27 -25.35 -8.93
N ARG A 187 -6.14 -25.52 -10.24
CA ARG A 187 -6.76 -24.60 -11.19
C ARG A 187 -8.28 -24.62 -11.07
N GLU A 188 -8.85 -25.78 -10.73
CA GLU A 188 -10.30 -25.91 -10.62
C GLU A 188 -10.88 -25.15 -9.44
N SER A 189 -10.06 -24.71 -8.48
CA SER A 189 -10.54 -23.88 -7.40
C SER A 189 -10.87 -22.45 -7.84
N LEU A 190 -10.61 -22.11 -9.10
CA LEU A 190 -10.81 -20.75 -9.61
C LEU A 190 -11.86 -20.76 -10.71
N LYS A 191 -12.81 -19.84 -10.62
CA LYS A 191 -13.76 -19.59 -11.69
C LYS A 191 -13.44 -18.20 -12.25
N LEU A 192 -12.95 -18.15 -13.48
CA LEU A 192 -12.68 -16.89 -14.15
C LEU A 192 -14.00 -16.29 -14.65
N GLU A 193 -14.32 -15.10 -14.18
CA GLU A 193 -15.64 -14.51 -14.43
C GLU A 193 -15.61 -13.35 -15.41
N LYS A 194 -14.63 -12.46 -15.33
CA LYS A 194 -14.58 -11.29 -16.20
C LYS A 194 -13.13 -11.00 -16.58
N LYS A 195 -12.87 -10.95 -17.88
CA LYS A 195 -11.55 -10.59 -18.37
C LYS A 195 -11.32 -9.10 -18.21
N LEU A 196 -10.29 -8.73 -17.44
CA LEU A 196 -10.02 -7.33 -17.16
C LEU A 196 -9.05 -6.71 -18.16
N GLY A 197 -8.21 -7.51 -18.79
CA GLY A 197 -7.25 -6.98 -19.73
C GLY A 197 -6.46 -8.09 -20.37
N ALA A 198 -5.88 -7.76 -21.52
CA ALA A 198 -5.02 -8.66 -22.26
C ALA A 198 -3.69 -7.97 -22.51
N GLY A 199 -2.59 -8.71 -22.32
CA GLY A 199 -1.26 -8.16 -22.46
C GLY A 199 -0.39 -9.01 -23.36
N GLN A 200 0.87 -8.58 -23.47
CA GLN A 200 1.83 -9.29 -24.31
C GLN A 200 1.97 -10.75 -23.89
N PHE A 201 2.13 -10.99 -22.59
CA PHE A 201 2.51 -12.31 -22.11
C PHE A 201 1.44 -12.96 -21.24
N GLY A 202 0.27 -12.37 -21.15
CA GLY A 202 -0.80 -12.97 -20.37
C GLY A 202 -1.99 -12.04 -20.29
N GLU A 203 -3.03 -12.53 -19.61
CA GLU A 203 -4.26 -11.79 -19.39
C GLU A 203 -4.46 -11.62 -17.89
N VAL A 204 -5.40 -10.75 -17.52
CA VAL A 204 -5.79 -10.58 -16.13
C VAL A 204 -7.31 -10.74 -16.04
N TRP A 205 -7.75 -11.58 -15.11
CA TRP A 205 -9.15 -11.90 -14.91
C TRP A 205 -9.57 -11.53 -13.50
N MET A 206 -10.83 -11.11 -13.37
CA MET A 206 -11.52 -11.14 -12.10
C MET A 206 -12.10 -12.53 -11.93
N ALA A 207 -11.94 -13.11 -10.74
CA ALA A 207 -12.28 -14.51 -10.54
C ALA A 207 -12.78 -14.73 -9.12
N THR A 208 -13.36 -15.91 -8.90
CA THR A 208 -13.81 -16.33 -7.58
C THR A 208 -13.05 -17.57 -7.16
N TYR A 209 -12.51 -17.56 -5.94
CA TYR A 209 -11.74 -18.68 -5.40
C TYR A 209 -12.60 -19.46 -4.41
N ASN A 210 -12.83 -20.74 -4.72
CA ASN A 210 -13.62 -21.63 -3.86
C ASN A 210 -14.99 -21.03 -3.54
N LYS A 211 -15.61 -20.44 -4.56
CA LYS A 211 -17.00 -19.98 -4.53
C LYS A 211 -17.26 -18.82 -3.56
N HIS A 212 -16.28 -18.43 -2.75
CA HIS A 212 -16.57 -17.47 -1.69
C HIS A 212 -15.52 -16.38 -1.52
N THR A 213 -14.66 -16.14 -2.51
CA THR A 213 -13.64 -15.10 -2.37
C THR A 213 -13.33 -14.48 -3.73
N LYS A 214 -13.41 -13.16 -3.80
CA LYS A 214 -13.11 -12.43 -5.02
C LYS A 214 -11.61 -12.14 -5.09
N VAL A 215 -11.00 -12.45 -6.23
CA VAL A 215 -9.57 -12.28 -6.45
C VAL A 215 -9.35 -11.81 -7.88
N ALA A 216 -8.12 -11.41 -8.16
CA ALA A 216 -7.65 -11.22 -9.53
C ALA A 216 -6.68 -12.34 -9.86
N VAL A 217 -6.71 -12.78 -11.12
CA VAL A 217 -5.85 -13.85 -11.60
C VAL A 217 -5.14 -13.37 -12.85
N LYS A 218 -3.81 -13.33 -12.80
CA LYS A 218 -3.00 -13.13 -14.00
C LYS A 218 -2.67 -14.50 -14.58
N THR A 219 -3.08 -14.72 -15.83
CA THR A 219 -2.94 -16.00 -16.52
C THR A 219 -1.85 -15.83 -17.58
N MET A 220 -0.69 -16.42 -17.33
CA MET A 220 0.44 -16.26 -18.23
C MET A 220 0.29 -17.17 -19.43
N LYS A 221 0.68 -16.66 -20.59
CA LYS A 221 0.58 -17.44 -21.82
C LYS A 221 1.50 -18.66 -21.74
N PRO A 222 1.12 -19.78 -22.35
CA PRO A 222 2.03 -20.92 -22.42
C PRO A 222 3.33 -20.54 -23.12
N GLY A 223 4.43 -21.07 -22.61
CA GLY A 223 5.75 -20.76 -23.12
C GLY A 223 6.39 -19.51 -22.53
N SER A 224 5.68 -18.77 -21.69
CA SER A 224 6.20 -17.51 -21.18
C SER A 224 7.06 -17.68 -19.93
N MET A 225 6.80 -18.71 -19.12
CA MET A 225 7.58 -18.95 -17.91
C MET A 225 7.71 -20.45 -17.69
N SER A 226 8.74 -20.83 -16.95
CA SER A 226 8.86 -22.21 -16.49
C SER A 226 8.42 -22.30 -15.03
N VAL A 227 7.82 -23.44 -14.68
CA VAL A 227 7.24 -23.61 -13.34
C VAL A 227 8.30 -23.43 -12.27
N GLU A 228 9.44 -24.13 -12.41
CA GLU A 228 10.43 -24.14 -11.32
C GLU A 228 11.05 -22.75 -11.13
N ALA A 229 11.42 -22.07 -12.22
CA ALA A 229 12.01 -20.75 -12.08
C ALA A 229 10.99 -19.75 -11.52
N PHE A 230 9.75 -19.82 -12.00
CA PHE A 230 8.72 -18.92 -11.47
C PHE A 230 8.47 -19.16 -9.99
N LEU A 231 8.33 -20.44 -9.60
CA LEU A 231 8.02 -20.75 -8.20
C LEU A 231 9.13 -20.28 -7.27
N ALA A 232 10.39 -20.52 -7.64
CA ALA A 232 11.50 -19.99 -6.85
C ALA A 232 11.35 -18.48 -6.65
N GLU A 233 11.03 -17.75 -7.71
CA GLU A 233 10.89 -16.30 -7.58
C GLU A 233 9.61 -15.93 -6.84
N ALA A 234 8.50 -16.60 -7.16
CA ALA A 234 7.23 -16.31 -6.49
C ALA A 234 7.33 -16.55 -4.99
N ASN A 235 8.14 -17.53 -4.57
CA ASN A 235 8.36 -17.74 -3.15
C ASN A 235 9.10 -16.58 -2.50
N VAL A 236 9.84 -15.78 -3.27
CA VAL A 236 10.38 -14.54 -2.71
C VAL A 236 9.35 -13.42 -2.77
N MET A 237 8.62 -13.32 -3.88
CA MET A 237 7.60 -12.28 -4.04
C MET A 237 6.59 -12.31 -2.92
N LYS A 238 6.09 -13.50 -2.57
CA LYS A 238 5.03 -13.59 -1.56
C LYS A 238 5.47 -13.06 -0.20
N THR A 239 6.78 -13.03 0.07
CA THR A 239 7.26 -12.48 1.33
C THR A 239 7.37 -10.96 1.32
N LEU A 240 7.22 -10.31 0.16
CA LEU A 240 7.30 -8.85 0.07
C LEU A 240 5.94 -8.25 0.43
N GLN A 241 5.65 -8.29 1.73
CA GLN A 241 4.36 -7.86 2.25
C GLN A 241 4.46 -6.43 2.76
N HIS A 242 3.66 -5.54 2.18
CA HIS A 242 3.67 -4.12 2.50
C HIS A 242 2.37 -3.54 1.98
N ASP A 243 1.87 -2.51 2.67
CA ASP A 243 0.55 -1.97 2.31
C ASP A 243 0.54 -1.36 0.91
N LYS A 244 1.69 -1.00 0.37
CA LYS A 244 1.78 -0.39 -0.95
C LYS A 244 2.28 -1.34 -2.02
N LEU A 245 2.36 -2.64 -1.71
CA LEU A 245 2.56 -3.68 -2.71
C LEU A 245 1.31 -4.54 -2.79
N VAL A 246 0.95 -4.97 -4.01
CA VAL A 246 -0.19 -5.85 -4.15
C VAL A 246 0.15 -7.21 -3.55
N LYS A 247 -0.82 -7.79 -2.85
CA LYS A 247 -0.58 -9.04 -2.12
C LYS A 247 -0.73 -10.24 -3.05
N LEU A 248 0.30 -11.10 -3.08
CA LEU A 248 0.20 -12.38 -3.75
C LEU A 248 -0.48 -13.39 -2.83
N HIS A 249 -1.59 -13.96 -3.28
CA HIS A 249 -2.30 -14.93 -2.46
C HIS A 249 -1.84 -16.36 -2.77
N ALA A 250 -1.77 -16.72 -4.04
CA ALA A 250 -1.55 -18.11 -4.42
C ALA A 250 -1.09 -18.18 -5.87
N VAL A 251 -0.66 -19.37 -6.27
CA VAL A 251 -0.20 -19.63 -7.64
C VAL A 251 -0.72 -20.99 -8.09
N VAL A 252 -0.90 -21.12 -9.39
CA VAL A 252 -1.14 -22.41 -10.03
C VAL A 252 0.15 -22.78 -10.74
N THR A 253 0.86 -23.78 -10.22
CA THR A 253 2.20 -24.13 -10.70
C THR A 253 2.16 -25.18 -11.80
N LYS A 254 1.33 -24.94 -12.81
CA LYS A 254 1.27 -25.75 -14.02
C LYS A 254 0.96 -24.82 -15.17
N GLU A 255 1.60 -25.06 -16.31
CA GLU A 255 1.34 -24.22 -17.49
C GLU A 255 -0.07 -24.45 -17.99
N PRO A 256 -0.85 -23.38 -18.25
CA PRO A 256 -0.48 -21.98 -18.09
C PRO A 256 -0.48 -21.52 -16.64
N ILE A 257 0.63 -20.96 -16.19
CA ILE A 257 0.76 -20.56 -14.78
C ILE A 257 -0.21 -19.44 -14.49
N TYR A 258 -0.91 -19.55 -13.36
CA TYR A 258 -1.79 -18.50 -12.86
C TYR A 258 -1.17 -17.85 -11.62
N ILE A 259 -1.34 -16.54 -11.51
CA ILE A 259 -0.90 -15.78 -10.35
C ILE A 259 -2.13 -15.15 -9.73
N ILE A 260 -2.39 -15.44 -8.46
CA ILE A 260 -3.60 -15.02 -7.77
C ILE A 260 -3.24 -13.95 -6.75
N THR A 261 -3.88 -12.79 -6.87
CA THR A 261 -3.61 -11.63 -6.03
C THR A 261 -4.93 -11.03 -5.57
N GLU A 262 -4.85 -10.08 -4.65
CA GLU A 262 -6.04 -9.31 -4.29
C GLU A 262 -6.53 -8.53 -5.51
N PHE A 263 -7.84 -8.36 -5.60
CA PHE A 263 -8.47 -7.62 -6.69
C PHE A 263 -8.49 -6.13 -6.39
N MET A 264 -8.15 -5.33 -7.39
CA MET A 264 -8.02 -3.87 -7.24
C MET A 264 -9.06 -3.21 -8.13
N ALA A 265 -10.06 -2.57 -7.49
CA ALA A 265 -11.30 -2.21 -8.19
C ALA A 265 -11.09 -1.16 -9.28
N LYS A 266 -10.08 -0.30 -9.14
CA LYS A 266 -9.91 0.79 -10.10
C LYS A 266 -8.80 0.53 -11.12
N GLY A 267 -8.31 -0.70 -11.21
CA GLY A 267 -7.38 -1.04 -12.27
C GLY A 267 -6.00 -0.42 -12.08
N SER A 268 -5.32 -0.16 -13.19
CA SER A 268 -3.99 0.40 -13.10
C SER A 268 -4.06 1.90 -12.89
N LEU A 269 -2.98 2.45 -12.32
CA LEU A 269 -2.91 3.90 -12.16
C LEU A 269 -2.96 4.61 -13.50
N LEU A 270 -2.42 3.97 -14.55
CA LEU A 270 -2.56 4.53 -15.89
C LEU A 270 -4.03 4.61 -16.30
N ASP A 271 -4.75 3.49 -16.18
CA ASP A 271 -6.19 3.50 -16.44
C ASP A 271 -6.89 4.58 -15.63
N PHE A 272 -6.54 4.68 -14.34
CA PHE A 272 -7.25 5.58 -13.45
C PHE A 272 -7.02 7.04 -13.85
N LEU A 273 -5.76 7.41 -14.10
CA LEU A 273 -5.47 8.79 -14.48
C LEU A 273 -6.14 9.18 -15.78
N LYS A 274 -6.42 8.22 -16.64
CA LYS A 274 -7.06 8.45 -17.92
C LYS A 274 -8.57 8.29 -17.87
N SER A 275 -9.13 8.07 -16.67
CA SER A 275 -10.56 7.88 -16.51
C SER A 275 -11.23 9.20 -16.12
N ASP A 276 -12.56 9.23 -16.23
CA ASP A 276 -13.28 10.44 -15.85
C ASP A 276 -12.98 10.83 -14.41
N GLU A 277 -12.95 9.84 -13.50
CA GLU A 277 -12.72 10.15 -12.10
C GLU A 277 -11.26 10.52 -11.84
N GLY A 278 -10.32 9.74 -12.38
CA GLY A 278 -8.93 9.96 -12.05
C GLY A 278 -8.36 11.23 -12.67
N SER A 279 -8.84 11.59 -13.86
CA SER A 279 -8.36 12.81 -14.51
C SER A 279 -8.70 14.08 -13.73
N LYS A 280 -9.54 13.98 -12.71
CA LYS A 280 -9.95 15.14 -11.94
C LYS A 280 -9.28 15.19 -10.57
N GLN A 281 -8.36 14.27 -10.28
CA GLN A 281 -7.66 14.30 -9.00
C GLN A 281 -6.82 15.57 -8.93
N PRO A 282 -6.88 16.33 -7.83
CA PRO A 282 -6.06 17.53 -7.71
C PRO A 282 -4.59 17.18 -7.50
N LEU A 283 -3.74 18.15 -7.82
CA LEU A 283 -2.30 17.96 -7.70
C LEU A 283 -1.84 17.44 -6.34
N PRO A 284 -2.39 17.87 -5.19
CA PRO A 284 -1.95 17.26 -3.92
C PRO A 284 -2.24 15.77 -3.84
N LYS A 285 -3.35 15.31 -4.44
CA LYS A 285 -3.61 13.87 -4.47
C LYS A 285 -2.62 13.16 -5.39
N LEU A 286 -2.29 13.75 -6.54
CA LEU A 286 -1.26 13.17 -7.40
C LEU A 286 0.04 13.00 -6.64
N ILE A 287 0.43 14.01 -5.86
CA ILE A 287 1.65 13.90 -5.08
C ILE A 287 1.52 12.82 -4.02
N ASP A 288 0.32 12.64 -3.47
CA ASP A 288 0.13 11.56 -2.50
C ASP A 288 0.26 10.18 -3.15
N PHE A 289 -0.28 10.02 -4.37
CA PHE A 289 -0.04 8.79 -5.12
C PHE A 289 1.45 8.53 -5.27
N SER A 290 2.19 9.58 -5.66
CA SER A 290 3.64 9.46 -5.81
C SER A 290 4.30 9.02 -4.51
N ALA A 291 3.86 9.58 -3.38
CA ALA A 291 4.42 9.20 -2.09
C ALA A 291 4.14 7.74 -1.77
N GLN A 292 2.92 7.28 -2.06
CA GLN A 292 2.56 5.89 -1.77
C GLN A 292 3.43 4.92 -2.55
N ILE A 293 3.66 5.19 -3.84
CA ILE A 293 4.52 4.35 -4.65
C ILE A 293 5.95 4.40 -4.15
N ALA A 294 6.42 5.60 -3.76
CA ALA A 294 7.77 5.72 -3.23
C ALA A 294 7.93 4.93 -1.93
N GLU A 295 6.89 4.90 -1.11
CA GLU A 295 6.95 4.09 0.12
C GLU A 295 7.04 2.61 -0.21
N GLY A 296 6.27 2.15 -1.19
CA GLY A 296 6.38 0.77 -1.63
C GLY A 296 7.76 0.46 -2.18
N MET A 297 8.34 1.40 -2.94
CA MET A 297 9.65 1.15 -3.52
C MET A 297 10.77 1.23 -2.48
N ALA A 298 10.61 2.10 -1.47
CA ALA A 298 11.59 2.12 -0.37
C ALA A 298 11.58 0.80 0.38
N PHE A 299 10.41 0.17 0.50
CA PHE A 299 10.35 -1.17 1.07
C PHE A 299 11.08 -2.19 0.19
N ILE A 300 10.78 -2.17 -1.11
CA ILE A 300 11.49 -3.05 -2.05
C ILE A 300 12.99 -2.82 -1.98
N GLU A 301 13.40 -1.56 -1.91
CA GLU A 301 14.81 -1.21 -1.76
C GLU A 301 15.38 -1.77 -0.45
N GLN A 302 14.64 -1.62 0.64
CA GLN A 302 15.10 -2.13 1.93
C GLN A 302 15.25 -3.64 1.91
N ARG A 303 14.41 -4.34 1.15
CA ARG A 303 14.45 -5.79 1.03
C ARG A 303 15.45 -6.27 -0.03
N ASN A 304 16.29 -5.37 -0.55
CA ASN A 304 17.27 -5.70 -1.58
C ASN A 304 16.62 -6.43 -2.75
N TYR A 305 15.47 -5.92 -3.18
CA TYR A 305 14.75 -6.46 -4.33
C TYR A 305 14.80 -5.44 -5.48
N ILE A 306 14.39 -5.88 -6.66
CA ILE A 306 14.38 -5.06 -7.86
C ILE A 306 13.03 -5.24 -8.55
N HIS A 307 12.37 -4.14 -8.89
CA HIS A 307 11.08 -4.27 -9.56
C HIS A 307 11.28 -4.73 -11.00
N ARG A 308 12.09 -3.98 -11.76
CA ARG A 308 12.53 -4.22 -13.14
C ARG A 308 11.58 -3.67 -14.20
N ASP A 309 10.35 -3.27 -13.84
CA ASP A 309 9.41 -2.76 -14.85
C ASP A 309 8.44 -1.78 -14.19
N LEU A 310 8.98 -0.76 -13.55
CA LEU A 310 8.16 0.22 -12.83
C LEU A 310 7.60 1.24 -13.82
N ARG A 311 6.28 1.38 -13.84
CA ARG A 311 5.57 2.30 -14.72
C ARG A 311 4.13 2.37 -14.22
N ALA A 312 3.42 3.43 -14.63
CA ALA A 312 2.04 3.61 -14.15
C ALA A 312 1.17 2.41 -14.49
N ALA A 313 1.44 1.74 -15.61
CA ALA A 313 0.67 0.54 -15.96
C ALA A 313 0.83 -0.59 -14.95
N ASN A 314 1.90 -0.57 -14.15
CA ASN A 314 2.17 -1.61 -13.17
C ASN A 314 1.91 -1.15 -11.74
N ILE A 315 1.20 -0.04 -11.58
CA ILE A 315 0.65 0.39 -10.30
C ILE A 315 -0.86 0.15 -10.36
N LEU A 316 -1.40 -0.45 -9.31
CA LEU A 316 -2.84 -0.68 -9.21
C LEU A 316 -3.44 0.29 -8.20
N VAL A 317 -4.75 0.50 -8.30
CA VAL A 317 -5.47 1.47 -7.49
C VAL A 317 -6.69 0.78 -6.87
N SER A 318 -6.79 0.83 -5.55
CA SER A 318 -7.91 0.22 -4.85
C SER A 318 -9.16 1.10 -4.97
N ALA A 319 -10.29 0.56 -4.48
CA ALA A 319 -11.52 1.36 -4.46
C ALA A 319 -11.36 2.61 -3.62
N SER A 320 -10.54 2.57 -2.57
CA SER A 320 -10.30 3.72 -1.72
C SER A 320 -9.05 4.51 -2.13
N LEU A 321 -8.59 4.34 -3.37
CA LEU A 321 -7.50 5.12 -3.95
C LEU A 321 -6.16 4.84 -3.27
N VAL A 322 -5.92 3.60 -2.85
CA VAL A 322 -4.60 3.19 -2.39
C VAL A 322 -3.83 2.65 -3.57
N CYS A 323 -2.60 3.15 -3.78
CA CYS A 323 -1.74 2.66 -4.84
C CYS A 323 -0.94 1.46 -4.36
N LYS A 324 -0.89 0.43 -5.19
CA LYS A 324 -0.19 -0.81 -4.85
C LYS A 324 0.67 -1.24 -6.02
N ILE A 325 1.96 -1.42 -5.76
CA ILE A 325 2.91 -1.84 -6.79
C ILE A 325 2.61 -3.27 -7.20
N ALA A 326 2.53 -3.50 -8.50
CA ALA A 326 2.27 -4.82 -9.06
C ALA A 326 3.44 -5.23 -9.97
N ASP A 327 3.48 -6.52 -10.28
CA ASP A 327 4.45 -7.10 -11.21
C ASP A 327 5.89 -6.94 -10.76
N PHE A 328 6.12 -6.78 -9.45
CA PHE A 328 7.48 -6.61 -8.96
C PHE A 328 8.25 -7.91 -9.15
N GLY A 329 9.38 -7.81 -9.84
CA GLY A 329 10.23 -8.94 -10.12
C GLY A 329 9.78 -9.83 -11.26
N LEU A 330 8.58 -9.60 -11.80
CA LEU A 330 7.99 -10.55 -12.75
C LEU A 330 8.78 -10.61 -14.05
N ALA A 331 9.31 -9.48 -14.51
CA ALA A 331 10.02 -9.48 -15.79
C ALA A 331 11.20 -10.46 -15.77
N ARG A 332 11.78 -10.69 -14.59
CA ARG A 332 12.93 -11.58 -14.47
C ARG A 332 12.61 -13.01 -14.87
N VAL A 333 11.37 -13.46 -14.66
CA VAL A 333 11.02 -14.85 -14.91
C VAL A 333 10.17 -15.01 -16.16
N ILE A 334 10.02 -13.96 -16.96
CA ILE A 334 9.46 -14.09 -18.30
C ILE A 334 10.59 -14.53 -19.22
N GLU A 335 10.44 -15.71 -19.83
CA GLU A 335 11.52 -16.28 -20.63
C GLU A 335 11.61 -15.59 -21.99
N ASP A 336 12.83 -15.60 -22.55
CA ASP A 336 13.09 -15.12 -23.90
C ASP A 336 13.25 -16.34 -24.81
N ASN A 337 12.24 -16.62 -25.62
CA ASN A 337 12.26 -17.78 -26.50
C ASN A 337 11.40 -17.49 -27.73
N GLU A 338 11.16 -18.52 -28.54
CA GLU A 338 10.40 -18.31 -29.77
C GLU A 338 8.96 -17.89 -29.50
N TYR A 339 8.39 -18.30 -28.37
CA TYR A 339 7.00 -17.97 -28.08
C TYR A 339 6.86 -16.50 -27.68
N THR A 340 7.65 -16.06 -26.71
CA THR A 340 7.50 -14.69 -26.21
C THR A 340 8.02 -13.68 -27.22
N ALA A 341 8.95 -14.08 -28.10
CA ALA A 341 9.51 -13.14 -29.07
C ALA A 341 8.45 -12.60 -30.02
N ARG A 342 7.46 -13.42 -30.36
CA ARG A 342 6.37 -12.99 -31.24
C ARG A 342 5.59 -11.81 -30.66
N GLU A 343 5.66 -11.58 -29.35
CA GLU A 343 4.82 -10.60 -28.68
C GLU A 343 5.41 -9.20 -28.66
N GLY A 344 6.60 -8.99 -29.23
CA GLY A 344 7.17 -7.65 -29.29
C GLY A 344 8.08 -7.35 -28.11
N ALA A 345 8.25 -6.04 -27.87
CA ALA A 345 9.24 -5.56 -26.91
C ALA A 345 8.97 -6.09 -25.51
N LYS A 346 10.04 -6.52 -24.83
CA LYS A 346 9.90 -7.06 -23.48
C LYS A 346 9.85 -5.95 -22.44
N PHE A 347 10.67 -4.91 -22.59
CA PHE A 347 10.64 -3.75 -21.72
C PHE A 347 10.54 -2.48 -22.54
N PRO A 348 9.87 -1.46 -22.02
CA PRO A 348 9.70 -0.22 -22.81
C PRO A 348 10.92 0.68 -22.68
N ILE A 349 11.51 1.02 -23.84
CA ILE A 349 12.70 1.88 -23.90
C ILE A 349 12.49 3.19 -23.14
N LYS A 350 11.31 3.81 -23.28
CA LYS A 350 11.13 5.15 -22.72
C LYS A 350 11.12 5.16 -21.18
N TRP A 351 10.93 4.02 -20.54
CA TRP A 351 10.92 3.91 -19.08
C TRP A 351 12.22 3.37 -18.50
N THR A 352 13.14 2.91 -19.33
CA THR A 352 14.25 2.08 -18.85
C THR A 352 15.53 2.90 -18.76
N ALA A 353 16.25 2.72 -17.66
CA ALA A 353 17.51 3.43 -17.46
C ALA A 353 18.51 3.06 -18.54
N PRO A 354 19.41 3.98 -18.90
CA PRO A 354 20.32 3.70 -20.02
C PRO A 354 21.24 2.52 -19.79
N GLU A 355 21.71 2.31 -18.56
CA GLU A 355 22.61 1.19 -18.30
C GLU A 355 21.86 -0.14 -18.39
N ALA A 356 20.55 -0.13 -18.12
CA ALA A 356 19.76 -1.34 -18.29
C ALA A 356 19.55 -1.65 -19.76
N ILE A 357 19.25 -0.62 -20.56
CA ILE A 357 19.16 -0.81 -22.01
C ILE A 357 20.48 -1.30 -22.58
N ASN A 358 21.58 -0.61 -22.26
CA ASN A 358 22.83 -0.86 -22.97
C ASN A 358 23.53 -2.12 -22.49
N PHE A 359 23.42 -2.47 -21.21
CA PHE A 359 24.18 -3.59 -20.68
C PHE A 359 23.34 -4.62 -19.94
N GLY A 360 22.02 -4.45 -19.88
CA GLY A 360 21.23 -5.35 -19.07
C GLY A 360 21.47 -5.24 -17.59
N SER A 361 21.93 -4.09 -17.11
CA SER A 361 22.21 -3.88 -15.69
C SER A 361 20.96 -3.33 -15.01
N PHE A 362 20.14 -4.23 -14.46
CA PHE A 362 18.93 -3.86 -13.74
C PHE A 362 19.25 -3.86 -12.25
N THR A 363 19.07 -2.71 -11.61
CA THR A 363 19.31 -2.58 -10.18
C THR A 363 18.20 -1.71 -9.58
N ILE A 364 18.24 -1.55 -8.26
CA ILE A 364 17.31 -0.62 -7.62
C ILE A 364 17.50 0.78 -8.20
N LYS A 365 18.72 1.07 -8.68
CA LYS A 365 18.99 2.38 -9.27
C LYS A 365 18.33 2.53 -10.64
N SER A 366 18.20 1.45 -11.42
CA SER A 366 17.43 1.57 -12.66
C SER A 366 15.94 1.67 -12.36
N ASP A 367 15.48 1.10 -11.24
CA ASP A 367 14.13 1.37 -10.79
C ASP A 367 13.93 2.86 -10.46
N VAL A 368 14.94 3.49 -9.85
CA VAL A 368 14.83 4.91 -9.51
C VAL A 368 14.64 5.72 -10.78
N TRP A 369 15.45 5.44 -11.81
CA TRP A 369 15.23 6.10 -13.09
C TRP A 369 13.79 5.95 -13.55
N SER A 370 13.29 4.70 -13.59
CA SER A 370 11.92 4.44 -14.01
C SER A 370 10.92 5.21 -13.14
N PHE A 371 11.20 5.34 -11.84
CA PHE A 371 10.29 6.09 -10.97
C PHE A 371 10.18 7.54 -11.41
N GLY A 372 11.27 8.14 -11.89
CA GLY A 372 11.20 9.49 -12.40
C GLY A 372 10.27 9.61 -13.59
N ILE A 373 10.34 8.65 -14.52
CA ILE A 373 9.41 8.60 -15.64
C ILE A 373 7.98 8.47 -15.15
N LEU A 374 7.78 7.64 -14.13
CA LEU A 374 6.45 7.42 -13.57
C LEU A 374 5.91 8.72 -12.97
N LEU A 375 6.75 9.47 -12.27
CA LEU A 375 6.34 10.78 -11.74
C LEU A 375 5.82 11.67 -12.85
N MET A 376 6.46 11.64 -14.02
CA MET A 376 6.01 12.45 -15.14
C MET A 376 4.68 11.92 -15.68
N GLU A 377 4.53 10.60 -15.78
CA GLU A 377 3.24 10.01 -16.15
C GLU A 377 2.13 10.53 -15.23
N ILE A 378 2.42 10.61 -13.93
CA ILE A 378 1.38 10.98 -12.96
C ILE A 378 0.96 12.43 -13.14
N VAL A 379 1.93 13.35 -13.24
CA VAL A 379 1.60 14.76 -13.26
C VAL A 379 1.00 15.17 -14.60
N THR A 380 1.22 14.38 -15.66
CA THR A 380 0.59 14.61 -16.95
C THR A 380 -0.66 13.74 -17.15
N TYR A 381 -1.10 13.04 -16.11
CA TYR A 381 -2.32 12.22 -16.16
C TYR A 381 -2.22 11.13 -17.23
N GLY A 382 -1.05 10.52 -17.36
CA GLY A 382 -0.90 9.36 -18.23
C GLY A 382 -0.42 9.63 -19.64
N ARG A 383 0.16 10.79 -19.90
CA ARG A 383 0.72 11.06 -21.21
C ARG A 383 1.93 10.15 -21.47
N ILE A 384 2.12 9.79 -22.73
CA ILE A 384 3.30 8.98 -23.10
C ILE A 384 4.57 9.75 -22.72
N PRO A 385 5.60 9.09 -22.19
CA PRO A 385 6.87 9.79 -22.01
C PRO A 385 7.41 10.28 -23.35
N TYR A 386 8.18 11.37 -23.30
CA TYR A 386 8.86 11.93 -24.46
C TYR A 386 7.92 12.13 -25.65
N PRO A 387 6.88 12.96 -25.50
CA PRO A 387 5.94 13.14 -26.60
C PRO A 387 6.64 13.68 -27.83
N GLY A 388 6.23 13.18 -29.00
CA GLY A 388 6.81 13.59 -30.25
C GLY A 388 8.14 12.97 -30.58
N MET A 389 8.65 12.04 -29.77
CA MET A 389 9.98 11.47 -29.97
C MET A 389 9.88 9.97 -30.19
N SER A 390 10.67 9.48 -31.15
CA SER A 390 10.85 8.05 -31.36
C SER A 390 11.81 7.48 -30.33
N ASN A 391 11.86 6.15 -30.24
CA ASN A 391 12.75 5.50 -29.29
C ASN A 391 14.23 5.80 -29.56
N PRO A 392 14.73 5.73 -30.80
CA PRO A 392 16.13 6.14 -31.01
C PRO A 392 16.39 7.59 -30.64
N GLU A 393 15.44 8.48 -30.95
CA GLU A 393 15.60 9.88 -30.59
C GLU A 393 15.73 10.06 -29.08
N VAL A 394 14.95 9.32 -28.30
CA VAL A 394 15.04 9.42 -26.84
C VAL A 394 16.42 9.00 -26.36
N ILE A 395 16.90 7.85 -26.82
CA ILE A 395 18.21 7.37 -26.40
C ILE A 395 19.30 8.36 -26.75
N ARG A 396 19.29 8.88 -27.98
CA ARG A 396 20.36 9.80 -28.36
C ARG A 396 20.23 11.14 -27.63
N ALA A 397 19.00 11.59 -27.35
CA ALA A 397 18.84 12.84 -26.63
C ALA A 397 19.29 12.71 -25.19
N LEU A 398 18.93 11.60 -24.53
CA LEU A 398 19.37 11.36 -23.15
C LEU A 398 20.89 11.35 -23.06
N GLU A 399 21.56 10.73 -24.03
CA GLU A 399 23.02 10.71 -24.03
C GLU A 399 23.63 12.11 -24.09
N ARG A 400 22.87 13.09 -24.58
CA ARG A 400 23.36 14.46 -24.69
C ARG A 400 22.78 15.39 -23.63
N GLY A 401 22.26 14.83 -22.53
CA GLY A 401 21.78 15.65 -21.44
C GLY A 401 20.38 16.18 -21.59
N TYR A 402 19.68 15.80 -22.65
CA TYR A 402 18.26 16.13 -22.74
C TYR A 402 17.50 15.36 -21.67
N ARG A 403 16.54 16.04 -21.05
CA ARG A 403 15.55 15.42 -20.19
C ARG A 403 14.21 16.07 -20.49
N MET A 404 13.14 15.33 -20.26
CA MET A 404 11.81 15.89 -20.47
C MET A 404 11.69 17.21 -19.73
N PRO A 405 11.21 18.27 -20.37
CA PRO A 405 11.01 19.54 -19.67
C PRO A 405 9.85 19.46 -18.69
N ARG A 406 9.87 20.37 -17.73
CA ARG A 406 8.82 20.41 -16.73
C ARG A 406 7.50 20.80 -17.38
N PRO A 407 6.44 20.03 -17.18
CA PRO A 407 5.14 20.37 -17.80
C PRO A 407 4.41 21.42 -16.98
N GLU A 408 3.31 21.90 -17.54
CA GLU A 408 2.42 22.77 -16.77
C GLU A 408 1.87 21.99 -15.58
N ASN A 409 1.56 22.71 -14.52
CA ASN A 409 0.92 22.15 -13.33
C ASN A 409 1.79 21.09 -12.68
N CYS A 410 3.09 21.34 -12.64
CA CYS A 410 4.06 20.47 -11.99
C CYS A 410 4.91 21.29 -11.04
N PRO A 411 4.81 21.07 -9.72
CA PRO A 411 5.64 21.81 -8.79
C PRO A 411 7.12 21.60 -9.09
N GLU A 412 7.90 22.67 -8.94
CA GLU A 412 9.31 22.62 -9.33
C GLU A 412 10.06 21.57 -8.51
N GLU A 413 9.70 21.43 -7.23
CA GLU A 413 10.40 20.46 -6.40
C GLU A 413 10.12 19.03 -6.86
N LEU A 414 8.90 18.75 -7.33
CA LEU A 414 8.62 17.44 -7.92
C LEU A 414 9.46 17.20 -9.16
N TYR A 415 9.59 18.22 -10.01
CA TYR A 415 10.46 18.09 -11.18
C TYR A 415 11.92 17.90 -10.79
N ASN A 416 12.36 18.57 -9.72
CA ASN A 416 13.73 18.39 -9.24
C ASN A 416 13.97 16.93 -8.84
N ILE A 417 12.98 16.30 -8.22
CA ILE A 417 13.10 14.89 -7.88
C ILE A 417 13.26 14.05 -9.15
N MET A 418 12.46 14.34 -10.18
CA MET A 418 12.59 13.66 -11.47
C MET A 418 14.01 13.79 -12.02
N MET A 419 14.54 15.02 -12.01
CA MET A 419 15.85 15.25 -12.60
C MET A 419 16.94 14.49 -11.85
N ARG A 420 16.78 14.32 -10.54
CA ARG A 420 17.73 13.51 -9.76
C ARG A 420 17.60 12.03 -10.10
N CYS A 421 16.36 11.56 -10.33
CA CYS A 421 16.16 10.18 -10.73
C CYS A 421 16.81 9.90 -12.08
N TRP A 422 16.93 10.92 -12.93
CA TRP A 422 17.41 10.76 -14.30
C TRP A 422 18.90 11.10 -14.44
N LYS A 423 19.69 10.93 -13.38
CA LYS A 423 21.14 11.02 -13.54
C LYS A 423 21.60 9.85 -14.41
N ASN A 424 22.48 10.14 -15.38
CA ASN A 424 22.95 9.07 -16.25
C ASN A 424 23.79 8.05 -15.49
N ARG A 425 24.56 8.50 -14.49
CA ARG A 425 25.34 7.60 -13.67
C ARG A 425 24.47 7.08 -12.53
N PRO A 426 24.24 5.76 -12.43
CA PRO A 426 23.26 5.27 -11.45
C PRO A 426 23.59 5.62 -10.01
N GLU A 427 24.89 5.67 -9.66
CA GLU A 427 25.25 5.93 -8.27
C GLU A 427 24.85 7.33 -7.84
N GLU A 428 24.74 8.28 -8.77
CA GLU A 428 24.33 9.64 -8.43
C GLU A 428 22.82 9.77 -8.25
N ARG A 429 22.05 8.73 -8.53
CA ARG A 429 20.60 8.77 -8.32
C ARG A 429 20.28 8.57 -6.84
N PRO A 430 19.25 9.24 -6.34
CA PRO A 430 18.91 9.14 -4.91
C PRO A 430 18.39 7.76 -4.56
N THR A 431 18.28 7.50 -3.26
CA THR A 431 17.63 6.30 -2.76
C THR A 431 16.12 6.50 -2.73
N PHE A 432 15.39 5.38 -2.75
CA PHE A 432 13.95 5.50 -2.53
C PHE A 432 13.64 5.93 -1.10
N GLU A 433 14.52 5.60 -0.15
CA GLU A 433 14.36 6.13 1.20
C GLU A 433 14.37 7.65 1.18
N TYR A 434 15.25 8.25 0.38
CA TYR A 434 15.27 9.70 0.27
C TYR A 434 14.02 10.23 -0.43
N ILE A 435 13.66 9.63 -1.57
CA ILE A 435 12.47 10.07 -2.30
C ILE A 435 11.24 9.96 -1.42
N GLN A 436 11.12 8.87 -0.67
CA GLN A 436 10.00 8.68 0.24
C GLN A 436 9.88 9.84 1.24
N SER A 437 11.01 10.28 1.79
CA SER A 437 10.96 11.34 2.80
C SER A 437 10.53 12.66 2.19
N VAL A 438 11.09 13.01 1.02
CA VAL A 438 10.74 14.29 0.39
C VAL A 438 9.27 14.31 0.01
N LEU A 439 8.77 13.21 -0.55
CA LEU A 439 7.38 13.20 -1.03
C LEU A 439 6.40 13.12 0.12
N ASP A 440 6.73 12.33 1.16
CA ASP A 440 5.86 12.25 2.34
C ASP A 440 5.69 13.62 2.98
N ASP A 441 6.74 14.43 2.99
CA ASP A 441 6.75 15.75 3.62
C ASP A 441 6.66 16.88 2.62
N PHE A 442 6.04 16.63 1.46
CA PHE A 442 6.08 17.59 0.36
C PHE A 442 5.48 18.93 0.78
N TYR A 443 4.25 18.92 1.30
CA TYR A 443 3.57 20.15 1.68
C TYR A 443 3.81 20.55 3.13
N THR A 444 4.10 19.58 4.00
CA THR A 444 4.35 19.84 5.41
C THR A 444 5.79 20.28 5.67
N ALA A 445 6.48 20.81 4.66
CA ALA A 445 7.76 21.45 4.90
C ALA A 445 7.54 22.78 5.64
N THR A 446 8.60 23.24 6.31
CA THR A 446 8.55 24.44 7.13
C THR A 446 7.45 24.36 8.19
N GLU A 447 7.17 23.15 8.68
CA GLU A 447 6.18 22.92 9.72
C GLU A 447 6.74 21.98 10.77
N SER A 448 6.23 22.12 11.99
CA SER A 448 6.63 21.23 13.08
C SER A 448 5.93 19.88 12.94
N GLN A 449 6.58 18.84 13.43
CA GLN A 449 6.06 17.49 13.30
C GLN A 449 4.84 17.29 14.21
N GLU A 451 2.17 19.23 17.18
CA GLU A 451 1.68 20.53 17.64
C GLU A 451 2.11 20.79 19.08
N GLU A 452 2.86 21.88 19.29
CA GLU A 452 3.38 22.24 20.60
C GLU A 452 2.27 22.96 21.40
N ILE A 453 1.28 22.17 21.80
CA ILE A 453 0.14 22.71 22.54
C ILE A 453 0.59 23.17 23.92
N PRO A 454 0.18 24.36 24.38
CA PRO A 454 0.53 24.86 25.71
C PRO A 454 -0.08 24.05 26.84
#